data_4F3Q
#
_entry.id   4F3Q
#
_cell.length_a   53.062
_cell.length_b   53.062
_cell.length_c   167.538
_cell.angle_alpha   90.00
_cell.angle_beta   90.00
_cell.angle_gamma   90.00
#
_symmetry.space_group_name_H-M   'P 41 21 2'
#
loop_
_entity.id
_entity.type
_entity.pdbx_description
1 polymer 'Transcriptional regulatory protein CBU_1566'
2 non-polymer 'SULFATE ION'
3 water water
#
_entity_poly.entity_id   1
_entity_poly.type   'polypeptide(L)'
_entity_poly.pdbx_seq_one_letter_code
;SNA(MSE)AGHSKWANIKHAKARQDAKRGKVFTKLIREITVAARLGGEDIDSNPRLRAVVDKAFAAN(MSE)PKDTITRA
IKRGAGSGAGDNLVEVRYEGYGPSGVAV(MSE)VDCLTDNKNRTVAEVRHAFSKCDGNLGTEGSVAYLFKQRGLITFPPN
SDEEKI(MSE)EIALEVGAEDVTTNDDGSIDVTTLPEDFEKIRNA(MSE)KAADLNPSHAEVTVLASTEVGLDKDSAEQ
(MSE)LRLTE(MSE)LEDLDDVQNVYSNADYPEEVL
;
_entity_poly.pdbx_strand_id   A
#
# COMPACT_ATOMS: atom_id res chain seq x y z
N LYS A 9 -26.70 7.53 -19.04
CA LYS A 9 -26.03 6.90 -20.21
C LYS A 9 -24.73 7.62 -20.54
N TRP A 10 -24.75 8.50 -21.54
CA TRP A 10 -23.51 9.11 -22.03
C TRP A 10 -22.85 10.03 -21.00
N ALA A 11 -23.68 10.76 -20.25
CA ALA A 11 -23.20 11.69 -19.23
C ALA A 11 -22.45 10.96 -18.13
N ASN A 12 -23.10 9.95 -17.56
CA ASN A 12 -22.51 9.14 -16.48
C ASN A 12 -21.28 8.37 -16.95
N ILE A 13 -21.33 7.85 -18.17
CA ILE A 13 -20.24 7.03 -18.72
C ILE A 13 -19.01 7.87 -19.07
N LYS A 14 -19.23 9.03 -19.70
CA LYS A 14 -18.12 9.94 -20.03
C LYS A 14 -17.47 10.51 -18.77
N HIS A 15 -18.31 10.83 -17.78
CA HIS A 15 -17.85 11.29 -16.47
C HIS A 15 -17.06 10.17 -15.78
N ALA A 16 -17.57 8.94 -15.86
CA ALA A 16 -16.88 7.77 -15.31
C ALA A 16 -15.54 7.55 -15.99
N LYS A 17 -15.52 7.59 -17.31
CA LYS A 17 -14.27 7.41 -18.06
C LYS A 17 -13.29 8.55 -17.77
N ALA A 18 -13.80 9.77 -17.64
CA ALA A 18 -12.99 10.93 -17.27
C ALA A 18 -12.23 10.73 -15.96
N ARG A 19 -12.92 10.22 -14.93
CA ARG A 19 -12.30 9.96 -13.61
C ARG A 19 -11.26 8.85 -13.72
N GLN A 20 -11.66 7.75 -14.35
CA GLN A 20 -10.80 6.60 -14.63
C GLN A 20 -9.53 6.99 -15.41
N ASP A 21 -9.68 7.90 -16.38
CA ASP A 21 -8.53 8.45 -17.12
C ASP A 21 -7.64 9.31 -16.22
N ALA A 22 -8.24 10.18 -15.42
CA ALA A 22 -7.50 11.11 -14.55
C ALA A 22 -6.64 10.37 -13.52
N LYS A 23 -7.17 9.28 -12.97
CA LYS A 23 -6.43 8.44 -12.03
C LYS A 23 -5.32 7.67 -12.73
N ARG A 24 -5.59 7.21 -13.95
CA ARG A 24 -4.58 6.52 -14.75
C ARG A 24 -3.37 7.43 -14.99
N GLY A 25 -3.64 8.72 -15.19
CA GLY A 25 -2.59 9.71 -15.35
C GLY A 25 -1.70 9.88 -14.13
N LYS A 26 -2.33 10.02 -12.96
CA LYS A 26 -1.58 10.17 -11.71
C LYS A 26 -0.72 8.94 -11.41
N VAL A 27 -1.31 7.75 -11.60
CA VAL A 27 -0.62 6.49 -11.37
C VAL A 27 0.54 6.31 -12.36
N PHE A 28 0.31 6.71 -13.61
CA PHE A 28 1.34 6.68 -14.66
C PHE A 28 2.62 7.36 -14.17
N THR A 29 2.48 8.55 -13.62
CA THR A 29 3.63 9.34 -13.17
C THR A 29 4.35 8.66 -12.02
N LYS A 30 3.58 8.08 -11.09
CA LYS A 30 4.16 7.35 -9.96
C LYS A 30 4.91 6.09 -10.40
N LEU A 31 4.35 5.37 -11.35
CA LEU A 31 4.96 4.14 -11.86
C LEU A 31 6.30 4.41 -12.54
N ILE A 32 6.34 5.44 -13.38
CA ILE A 32 7.58 5.83 -14.07
C ILE A 32 8.73 6.02 -13.08
N ARG A 33 8.46 6.76 -12.01
CA ARG A 33 9.46 7.02 -11.00
C ARG A 33 9.89 5.74 -10.27
N GLU A 34 8.92 4.89 -9.96
CA GLU A 34 9.21 3.64 -9.25
C GLU A 34 10.01 2.69 -10.13
N ILE A 35 9.69 2.63 -11.42
CA ILE A 35 10.47 1.84 -12.36
C ILE A 35 11.92 2.29 -12.32
N THR A 36 12.13 3.59 -12.51
CA THR A 36 13.48 4.15 -12.56
C THR A 36 14.27 3.86 -11.28
N VAL A 37 13.66 4.14 -10.13
CA VAL A 37 14.34 3.96 -8.85
C VAL A 37 14.59 2.48 -8.57
N ALA A 38 13.63 1.62 -8.86
CA ALA A 38 13.83 0.17 -8.69
C ALA A 38 15.00 -0.33 -9.53
N ALA A 39 15.08 0.18 -10.77
CA ALA A 39 16.16 -0.20 -11.68
C ALA A 39 17.52 0.25 -11.17
N ARG A 40 17.61 1.52 -10.77
CA ARG A 40 18.86 2.07 -10.27
C ARG A 40 19.38 1.35 -9.03
N LEU A 41 18.46 0.98 -8.14
CA LEU A 41 18.83 0.33 -6.88
C LEU A 41 19.19 -1.14 -7.08
N GLY A 42 18.25 -1.92 -7.61
CA GLY A 42 18.41 -3.37 -7.76
C GLY A 42 19.00 -3.87 -9.07
N GLY A 43 19.24 -2.97 -10.02
CA GLY A 43 19.82 -3.34 -11.32
C GLY A 43 18.82 -3.43 -12.47
N GLU A 44 19.36 -3.50 -13.68
CA GLU A 44 18.58 -3.47 -14.93
C GLU A 44 17.89 -4.80 -15.27
N ASP A 45 18.39 -5.91 -14.73
CA ASP A 45 17.84 -7.24 -14.99
C ASP A 45 16.60 -7.49 -14.14
N ILE A 46 15.42 -7.45 -14.78
CA ILE A 46 14.13 -7.58 -14.08
C ILE A 46 14.00 -8.94 -13.40
N ASP A 47 14.58 -9.98 -13.99
CA ASP A 47 14.53 -11.32 -13.43
C ASP A 47 15.38 -11.50 -12.16
N SER A 48 16.29 -10.56 -11.88
CA SER A 48 17.08 -10.57 -10.63
C SER A 48 16.71 -9.41 -9.70
N ASN A 49 15.62 -8.71 -10.02
CA ASN A 49 15.19 -7.53 -9.29
C ASN A 49 13.68 -7.60 -9.02
N PRO A 50 13.29 -8.26 -7.91
CA PRO A 50 11.87 -8.43 -7.58
C PRO A 50 11.07 -7.12 -7.49
N ARG A 51 11.70 -6.07 -6.98
CA ARG A 51 11.06 -4.77 -6.87
C ARG A 51 10.71 -4.26 -8.27
N LEU A 52 11.68 -4.35 -9.16
CA LEU A 52 11.49 -3.93 -10.54
C LEU A 52 10.47 -4.83 -11.23
N ARG A 53 10.53 -6.13 -10.95
CA ARG A 53 9.57 -7.09 -11.49
C ARG A 53 8.15 -6.66 -11.21
N ALA A 54 7.88 -6.31 -9.94
CA ALA A 54 6.55 -5.92 -9.51
C ALA A 54 6.04 -4.68 -10.22
N VAL A 55 6.84 -3.61 -10.24
CA VAL A 55 6.38 -2.35 -10.86
C VAL A 55 6.26 -2.46 -12.38
N VAL A 56 7.16 -3.21 -13.01
CA VAL A 56 7.08 -3.42 -14.46
C VAL A 56 5.80 -4.17 -14.82
N ASP A 57 5.45 -5.19 -14.03
CA ASP A 57 4.19 -5.91 -14.20
C ASP A 57 2.99 -4.97 -14.05
N LYS A 58 3.00 -4.14 -13.01
CA LYS A 58 1.96 -3.10 -12.84
C LYS A 58 1.90 -2.15 -14.05
N ALA A 59 3.06 -1.75 -14.55
CA ALA A 59 3.13 -0.84 -15.70
C ALA A 59 2.53 -1.47 -16.96
N PHE A 60 2.90 -2.71 -17.26
CA PHE A 60 2.32 -3.43 -18.41
C PHE A 60 0.81 -3.68 -18.22
N ALA A 61 0.41 -4.02 -16.99
CA ALA A 61 -1.03 -4.15 -16.66
C ALA A 61 -1.81 -2.85 -16.90
N ALA A 62 -1.18 -1.72 -16.59
CA ALA A 62 -1.79 -0.40 -16.83
C ALA A 62 -1.63 0.06 -18.28
N ASN A 63 -1.10 -0.80 -19.14
CA ASN A 63 -0.89 -0.52 -20.56
C ASN A 63 0.05 0.67 -20.84
N PRO A 65 3.20 2.34 -22.27
CA PRO A 65 3.90 1.89 -23.48
C PRO A 65 5.25 1.24 -23.15
N LYS A 66 5.57 0.18 -23.89
CA LYS A 66 6.78 -0.58 -23.68
C LYS A 66 8.01 0.34 -23.68
N ASP A 67 8.06 1.28 -24.62
CA ASP A 67 9.21 2.17 -24.75
C ASP A 67 9.36 3.11 -23.57
N THR A 68 8.23 3.54 -23.01
CA THR A 68 8.28 4.35 -21.79
C THR A 68 8.85 3.51 -20.64
N ILE A 69 8.46 2.23 -20.58
CA ILE A 69 8.95 1.34 -19.53
C ILE A 69 10.45 1.10 -19.68
N THR A 70 10.89 0.73 -20.87
CA THR A 70 12.30 0.42 -21.08
C THR A 70 13.18 1.66 -20.87
N ARG A 71 12.72 2.82 -21.31
CA ARG A 71 13.52 4.03 -21.11
C ARG A 71 13.61 4.40 -19.63
N ALA A 72 12.52 4.18 -18.88
CA ALA A 72 12.54 4.40 -17.45
C ALA A 72 13.55 3.45 -16.77
N ILE A 73 13.61 2.21 -17.24
CA ILE A 73 14.59 1.23 -16.73
C ILE A 73 16.01 1.70 -17.03
N LYS A 74 16.27 2.10 -18.27
CA LYS A 74 17.61 2.52 -18.68
C LYS A 74 18.07 3.81 -18.02
N ARG A 75 17.12 4.64 -17.58
CA ARG A 75 17.43 5.87 -16.85
C ARG A 75 18.04 5.55 -15.48
N GLY A 76 17.59 4.46 -14.86
CA GLY A 76 18.25 3.91 -13.66
C GLY A 76 19.43 2.98 -14.01
N ALA A 77 20.64 3.53 -14.03
CA ALA A 77 21.84 2.76 -14.36
C ALA A 77 23.12 3.55 -14.08
N ASP A 83 17.97 11.68 -13.48
CA ASP A 83 16.70 11.79 -12.76
C ASP A 83 16.87 12.25 -11.32
N ASN A 84 17.91 11.74 -10.66
CA ASN A 84 18.19 11.99 -9.24
C ASN A 84 16.95 11.96 -8.33
N LEU A 85 16.18 10.89 -8.48
CA LEU A 85 15.06 10.61 -7.59
C LEU A 85 15.59 9.97 -6.33
N VAL A 86 15.13 10.46 -5.19
CA VAL A 86 15.48 9.86 -3.90
C VAL A 86 14.23 9.40 -3.16
N GLU A 87 14.39 8.38 -2.34
CA GLU A 87 13.34 7.90 -1.46
C GLU A 87 13.34 8.78 -0.23
N VAL A 88 12.15 9.15 0.25
CA VAL A 88 11.98 9.85 1.51
C VAL A 88 10.69 9.38 2.13
N ARG A 89 10.70 9.21 3.45
CA ARG A 89 9.50 8.88 4.19
C ARG A 89 9.17 10.02 5.15
N TYR A 90 7.92 10.46 5.14
CA TYR A 90 7.43 11.42 6.14
C TYR A 90 6.49 10.70 7.09
N GLU A 91 6.48 11.16 8.33
CA GLU A 91 5.67 10.58 9.39
C GLU A 91 4.99 11.69 10.16
N GLY A 92 3.70 11.54 10.42
CA GLY A 92 2.95 12.57 11.11
C GLY A 92 1.65 12.06 11.71
N TYR A 93 0.83 13.00 12.17
CA TYR A 93 -0.47 12.68 12.71
C TYR A 93 -1.54 13.45 11.96
N GLY A 94 -2.75 12.89 11.90
CA GLY A 94 -3.89 13.54 11.25
C GLY A 94 -5.07 13.63 12.19
N PRO A 95 -6.29 13.77 11.65
CA PRO A 95 -7.53 13.85 12.43
C PRO A 95 -7.60 12.78 13.52
N SER A 96 -8.03 13.17 14.72
CA SER A 96 -8.14 12.29 15.88
C SER A 96 -6.84 11.59 16.28
N GLY A 97 -5.70 12.14 15.85
CA GLY A 97 -4.40 11.57 16.18
C GLY A 97 -4.02 10.32 15.41
N VAL A 98 -4.68 10.08 14.27
CA VAL A 98 -4.32 8.99 13.37
C VAL A 98 -2.84 9.09 12.94
N ALA A 99 -2.12 7.99 13.05
CA ALA A 99 -0.71 7.98 12.62
C ALA A 99 -0.65 7.77 11.12
N VAL A 100 0.16 8.59 10.44
CA VAL A 100 0.23 8.61 8.99
C VAL A 100 1.69 8.52 8.51
N VAL A 102 4.04 8.53 4.91
CA VAL A 102 3.97 8.91 3.50
C VAL A 102 5.28 8.60 2.81
N ASP A 103 5.29 7.59 1.95
CA ASP A 103 6.49 7.20 1.22
C ASP A 103 6.54 7.87 -0.13
N CYS A 104 7.67 8.53 -0.40
CA CYS A 104 7.82 9.42 -1.54
C CYS A 104 9.01 9.08 -2.41
N LEU A 105 8.89 9.39 -3.70
CA LEU A 105 10.02 9.45 -4.62
C LEU A 105 10.03 10.85 -5.23
N THR A 106 11.12 11.58 -5.00
CA THR A 106 11.19 13.00 -5.39
C THR A 106 12.60 13.41 -5.77
N ASP A 107 12.69 14.39 -6.68
CA ASP A 107 13.98 14.99 -7.03
C ASP A 107 14.23 16.30 -6.28
N ASN A 108 13.36 16.60 -5.31
CA ASN A 108 13.44 17.83 -4.53
C ASN A 108 12.66 17.66 -3.23
N LYS A 109 13.40 17.31 -2.17
CA LYS A 109 12.81 17.04 -0.86
C LYS A 109 12.23 18.30 -0.23
N ASN A 110 12.86 19.45 -0.46
CA ASN A 110 12.37 20.72 0.06
C ASN A 110 11.00 21.07 -0.50
N ARG A 111 10.80 20.78 -1.78
CA ARG A 111 9.50 20.95 -2.42
C ARG A 111 8.48 19.98 -1.83
N THR A 112 8.84 18.70 -1.82
CA THR A 112 7.95 17.65 -1.32
C THR A 112 7.53 17.87 0.13
N VAL A 113 8.49 18.11 1.03
CA VAL A 113 8.15 18.24 2.45
C VAL A 113 7.17 19.38 2.70
N ALA A 114 7.34 20.50 1.99
CA ALA A 114 6.43 21.63 2.08
C ALA A 114 5.02 21.25 1.61
N GLU A 115 4.93 20.55 0.49
CA GLU A 115 3.64 20.12 -0.06
C GLU A 115 2.95 19.14 0.88
N VAL A 116 3.73 18.22 1.47
CA VAL A 116 3.19 17.26 2.43
C VAL A 116 2.73 17.98 3.71
N ARG A 117 3.56 18.87 4.25
CA ARG A 117 3.18 19.69 5.41
C ARG A 117 1.87 20.44 5.15
N HIS A 118 1.74 21.03 3.97
CA HIS A 118 0.55 21.79 3.60
C HIS A 118 -0.71 20.94 3.66
N ALA A 119 -0.60 19.71 3.14
CA ALA A 119 -1.73 18.78 3.15
C ALA A 119 -2.12 18.44 4.60
N PHE A 120 -1.13 18.05 5.40
CA PHE A 120 -1.35 17.75 6.82
C PHE A 120 -1.98 18.93 7.54
N SER A 121 -1.45 20.12 7.27
CA SER A 121 -1.90 21.33 7.92
C SER A 121 -3.35 21.64 7.57
N LYS A 122 -3.71 21.43 6.30
CA LYS A 122 -5.08 21.68 5.85
C LYS A 122 -6.08 20.75 6.54
N CYS A 123 -5.59 19.61 7.02
CA CYS A 123 -6.44 18.61 7.65
C CYS A 123 -6.19 18.51 9.16
N ASP A 124 -5.78 19.62 9.76
CA ASP A 124 -5.57 19.71 11.22
C ASP A 124 -4.54 18.70 11.74
N GLY A 125 -3.53 18.42 10.93
CA GLY A 125 -2.46 17.51 11.31
C GLY A 125 -1.10 18.16 11.22
N ASN A 126 -0.06 17.34 11.41
CA ASN A 126 1.30 17.81 11.25
C ASN A 126 2.30 16.65 11.15
N LEU A 127 3.46 16.95 10.59
CA LEU A 127 4.57 16.00 10.53
C LEU A 127 5.31 15.96 11.85
N GLY A 128 5.78 14.77 12.23
CA GLY A 128 6.62 14.57 13.40
C GLY A 128 8.01 14.12 12.97
N THR A 129 8.74 13.53 13.90
CA THR A 129 10.13 13.14 13.63
C THR A 129 10.17 11.79 12.93
N GLU A 130 11.32 11.49 12.35
CA GLU A 130 11.59 10.17 11.79
C GLU A 130 11.45 9.13 12.92
N GLY A 131 10.74 8.04 12.65
CA GLY A 131 10.46 7.02 13.66
C GLY A 131 9.30 7.32 14.61
N SER A 132 8.64 8.46 14.47
CA SER A 132 7.55 8.83 15.37
C SER A 132 6.33 7.92 15.23
N VAL A 133 6.09 7.38 14.03
CA VAL A 133 4.98 6.44 13.84
C VAL A 133 5.37 5.09 13.19
N ALA A 134 6.53 5.04 12.53
CA ALA A 134 6.89 3.87 11.71
C ALA A 134 6.82 2.54 12.47
N TYR A 135 7.10 2.58 13.76
CA TYR A 135 7.07 1.36 14.59
C TYR A 135 5.68 0.72 14.68
N LEU A 136 4.63 1.49 14.39
CA LEU A 136 3.25 0.97 14.37
C LEU A 136 2.93 0.15 13.12
N PHE A 137 3.71 0.31 12.06
CA PHE A 137 3.43 -0.30 10.76
C PHE A 137 4.43 -1.38 10.41
N LYS A 138 3.93 -2.60 10.18
CA LYS A 138 4.78 -3.73 9.80
C LYS A 138 4.27 -4.39 8.53
N GLN A 139 5.18 -4.89 7.70
CA GLN A 139 4.78 -5.78 6.60
C GLN A 139 4.37 -7.11 7.21
N ARG A 140 3.24 -7.62 6.76
CA ARG A 140 2.74 -8.90 7.24
C ARG A 140 2.11 -9.69 6.10
N GLY A 141 2.30 -10.99 6.12
CA GLY A 141 1.51 -11.86 5.27
C GLY A 141 0.11 -11.90 5.82
N LEU A 142 -0.88 -11.89 4.92
CA LEU A 142 -2.28 -12.01 5.31
C LEU A 142 -2.95 -12.97 4.34
N ILE A 143 -3.39 -14.10 4.87
CA ILE A 143 -4.00 -15.15 4.10
C ILE A 143 -5.44 -15.24 4.57
N THR A 144 -6.39 -15.06 3.65
CA THR A 144 -7.80 -15.03 4.00
C THR A 144 -8.53 -16.24 3.43
N PHE A 145 -9.21 -16.93 4.33
CA PHE A 145 -10.01 -18.07 3.98
C PHE A 145 -11.50 -17.68 4.03
N PRO A 146 -12.28 -18.20 3.08
CA PRO A 146 -13.68 -17.83 3.01
C PRO A 146 -14.50 -18.48 4.12
N PRO A 147 -15.75 -18.04 4.30
CA PRO A 147 -16.69 -18.77 5.12
C PRO A 147 -16.75 -20.25 4.71
N ASN A 148 -17.09 -21.12 5.66
CA ASN A 148 -17.12 -22.57 5.47
C ASN A 148 -15.72 -23.21 5.34
N SER A 149 -14.68 -22.47 5.69
CA SER A 149 -13.34 -23.07 5.78
C SER A 149 -13.23 -23.88 7.08
N ASP A 150 -12.30 -24.83 7.09
CA ASP A 150 -12.09 -25.67 8.27
C ASP A 150 -11.29 -24.90 9.31
N GLU A 151 -12.01 -24.25 10.22
CA GLU A 151 -11.40 -23.45 11.28
C GLU A 151 -10.35 -24.27 12.03
N GLU A 152 -10.75 -25.43 12.52
CA GLU A 152 -9.87 -26.32 13.29
C GLU A 152 -8.55 -26.64 12.60
N LYS A 153 -8.62 -27.05 11.35
CA LYS A 153 -7.45 -27.47 10.59
C LYS A 153 -6.53 -26.30 10.27
N ILE A 154 -7.13 -25.13 9.99
CA ILE A 154 -6.37 -23.90 9.78
C ILE A 154 -5.59 -23.53 11.03
N GLU A 156 -4.68 -25.57 13.56
CA GLU A 156 -3.65 -26.60 13.77
C GLU A 156 -2.40 -26.33 12.95
N ILE A 157 -2.59 -26.02 11.66
CA ILE A 157 -1.47 -25.70 10.77
C ILE A 157 -0.80 -24.38 11.17
N ALA A 158 -1.60 -23.38 11.52
CA ALA A 158 -1.07 -22.07 11.90
C ALA A 158 -0.14 -22.15 13.11
N LEU A 159 -0.53 -22.90 14.14
CA LEU A 159 0.35 -23.10 15.31
C LEU A 159 1.59 -23.91 14.93
N GLU A 160 1.39 -24.97 14.14
CA GLU A 160 2.48 -25.85 13.69
C GLU A 160 3.56 -25.09 12.89
N VAL A 161 3.14 -24.13 12.09
CA VAL A 161 4.02 -23.46 11.14
C VAL A 161 4.43 -22.03 11.57
N GLY A 162 4.00 -21.61 12.75
CA GLY A 162 4.41 -20.34 13.32
C GLY A 162 3.69 -19.10 12.80
N ALA A 163 2.40 -19.21 12.52
CA ALA A 163 1.62 -18.04 12.14
C ALA A 163 1.61 -17.03 13.29
N GLU A 164 1.56 -15.75 12.95
CA GLU A 164 1.54 -14.68 13.96
C GLU A 164 0.16 -14.55 14.62
N ASP A 165 -0.89 -14.72 13.84
CA ASP A 165 -2.25 -14.58 14.35
C ASP A 165 -3.28 -15.30 13.49
N VAL A 166 -4.37 -15.75 14.11
CA VAL A 166 -5.51 -16.28 13.40
C VAL A 166 -6.75 -15.60 13.98
N THR A 167 -7.53 -14.97 13.10
CA THR A 167 -8.79 -14.32 13.49
C THR A 167 -9.96 -14.88 12.69
N THR A 168 -10.97 -15.37 13.42
CA THR A 168 -12.21 -15.80 12.81
C THR A 168 -13.19 -14.63 12.93
N ASN A 169 -13.81 -14.27 11.81
CA ASN A 169 -14.73 -13.15 11.76
C ASN A 169 -16.16 -13.63 11.90
N ASP A 170 -17.09 -12.69 12.09
CA ASP A 170 -18.50 -13.04 12.33
C ASP A 170 -19.11 -13.84 11.18
N ASP A 171 -18.63 -13.62 9.95
CA ASP A 171 -19.17 -14.33 8.79
C ASP A 171 -18.54 -15.70 8.56
N GLY A 172 -17.64 -16.12 9.47
CA GLY A 172 -16.97 -17.41 9.33
C GLY A 172 -15.65 -17.35 8.58
N SER A 173 -15.33 -16.22 7.97
CA SER A 173 -14.05 -16.08 7.26
C SER A 173 -12.90 -16.02 8.27
N ILE A 174 -11.75 -16.54 7.86
CA ILE A 174 -10.56 -16.65 8.72
C ILE A 174 -9.40 -15.90 8.10
N ASP A 175 -8.82 -14.97 8.85
CA ASP A 175 -7.63 -14.25 8.43
C ASP A 175 -6.42 -14.76 9.22
N VAL A 176 -5.40 -15.24 8.51
CA VAL A 176 -4.17 -15.69 9.14
C VAL A 176 -3.05 -14.71 8.80
N THR A 177 -2.40 -14.16 9.82
CA THR A 177 -1.32 -13.19 9.59
C THR A 177 0.03 -13.85 9.86
N THR A 178 1.01 -13.55 9.02
CA THR A 178 2.32 -14.17 9.10
C THR A 178 3.41 -13.12 9.04
N LEU A 179 4.61 -13.47 9.52
CA LEU A 179 5.79 -12.66 9.25
C LEU A 179 6.03 -12.75 7.74
N PRO A 180 6.53 -11.65 7.13
CA PRO A 180 6.74 -11.66 5.67
C PRO A 180 7.54 -12.85 5.18
N GLU A 181 8.61 -13.16 5.91
CA GLU A 181 9.49 -14.28 5.60
C GLU A 181 8.83 -15.67 5.65
N ASP A 182 7.74 -15.80 6.40
CA ASP A 182 7.04 -17.09 6.55
C ASP A 182 5.83 -17.20 5.63
N PHE A 183 5.52 -16.12 4.93
CA PHE A 183 4.31 -16.04 4.13
C PHE A 183 4.17 -17.20 3.13
N GLU A 184 5.21 -17.41 2.32
CA GLU A 184 5.16 -18.43 1.28
C GLU A 184 5.00 -19.83 1.88
N LYS A 185 5.85 -20.16 2.86
CA LYS A 185 5.79 -21.47 3.50
C LYS A 185 4.42 -21.76 4.09
N ILE A 186 3.85 -20.79 4.81
CA ILE A 186 2.58 -20.99 5.48
C ILE A 186 1.46 -21.13 4.48
N ARG A 187 1.48 -20.32 3.44
CA ARG A 187 0.54 -20.44 2.33
C ARG A 187 0.65 -21.82 1.68
N ASN A 188 1.87 -22.29 1.50
CA ASN A 188 2.12 -23.59 0.92
C ASN A 188 1.60 -24.71 1.82
N ALA A 189 1.80 -24.55 3.13
CA ALA A 189 1.30 -25.53 4.12
C ALA A 189 -0.22 -25.61 4.10
N LYS A 191 -2.31 -24.79 1.53
CA LYS A 191 -2.69 -25.42 0.28
C LYS A 191 -2.38 -26.91 0.27
N ALA A 192 -1.29 -27.33 0.92
CA ALA A 192 -0.94 -28.76 0.98
C ALA A 192 -1.99 -29.55 1.76
N ALA A 193 -2.58 -28.94 2.78
CA ALA A 193 -3.67 -29.53 3.55
C ALA A 193 -5.04 -29.28 2.92
N ASP A 194 -5.04 -28.81 1.67
CA ASP A 194 -6.27 -28.59 0.89
C ASP A 194 -7.14 -27.48 1.47
N LEU A 195 -6.50 -26.53 2.16
CA LEU A 195 -7.15 -25.34 2.67
C LEU A 195 -6.86 -24.24 1.65
N ASN A 196 -7.87 -23.91 0.86
CA ASN A 196 -7.71 -23.01 -0.28
C ASN A 196 -8.11 -21.57 0.08
N PRO A 197 -7.11 -20.67 0.15
CA PRO A 197 -7.44 -19.30 0.52
C PRO A 197 -8.23 -18.59 -0.56
N SER A 198 -9.10 -17.67 -0.14
CA SER A 198 -9.75 -16.76 -1.07
C SER A 198 -8.75 -15.74 -1.58
N HIS A 199 -7.86 -15.27 -0.71
CA HIS A 199 -6.86 -14.29 -1.10
C HIS A 199 -5.67 -14.36 -0.17
N ALA A 200 -4.50 -14.02 -0.69
CA ALA A 200 -3.28 -13.99 0.11
C ALA A 200 -2.34 -12.92 -0.41
N GLU A 201 -1.73 -12.17 0.49
CA GLU A 201 -0.78 -11.13 0.10
C GLU A 201 0.08 -10.74 1.28
N VAL A 202 1.23 -10.13 0.97
CA VAL A 202 2.01 -9.41 1.97
C VAL A 202 1.60 -7.95 1.87
N THR A 203 1.24 -7.37 3.00
CA THR A 203 0.76 -6.01 3.04
C THR A 203 1.20 -5.35 4.33
N VAL A 204 0.98 -4.05 4.44
CA VAL A 204 1.31 -3.29 5.64
C VAL A 204 0.11 -3.24 6.57
N LEU A 205 0.31 -3.66 7.82
CA LEU A 205 -0.72 -3.65 8.85
C LEU A 205 -0.30 -2.79 10.04
N ALA A 206 -1.27 -2.14 10.65
CA ALA A 206 -1.02 -1.30 11.83
C ALA A 206 -1.20 -2.13 13.10
N SER A 207 -0.32 -1.92 14.07
CA SER A 207 -0.39 -2.63 15.35
C SER A 207 -1.61 -2.17 16.16
N THR A 208 -1.86 -0.87 16.16
CA THR A 208 -3.03 -0.28 16.80
C THR A 208 -3.83 0.49 15.76
N GLU A 209 -5.12 0.68 16.00
CA GLU A 209 -5.96 1.47 15.13
C GLU A 209 -6.61 2.63 15.90
N VAL A 210 -7.01 3.66 15.15
CA VAL A 210 -7.67 4.82 15.72
C VAL A 210 -9.07 4.94 15.12
N GLY A 211 -10.08 4.80 15.99
CA GLY A 211 -11.48 4.88 15.57
C GLY A 211 -11.90 6.30 15.27
N LEU A 212 -12.55 6.49 14.13
CA LEU A 212 -12.94 7.81 13.67
C LEU A 212 -14.46 7.94 13.59
N ASP A 213 -14.98 9.11 13.98
CA ASP A 213 -16.37 9.44 13.70
C ASP A 213 -16.49 9.86 12.24
N LYS A 214 -17.73 9.97 11.75
CA LYS A 214 -17.98 10.33 10.35
C LYS A 214 -17.12 11.53 9.92
N ASP A 215 -17.16 12.58 10.72
CA ASP A 215 -16.52 13.84 10.38
C ASP A 215 -15.00 13.70 10.30
N SER A 216 -14.40 13.14 11.35
CA SER A 216 -12.97 12.90 11.39
C SER A 216 -12.56 11.98 10.25
N ALA A 217 -13.38 10.97 9.96
CA ALA A 217 -13.14 10.03 8.87
C ALA A 217 -13.12 10.75 7.51
N GLU A 218 -14.10 11.61 7.29
CA GLU A 218 -14.13 12.40 6.06
C GLU A 218 -12.85 13.24 5.92
N GLN A 219 -12.41 13.85 7.02
CA GLN A 219 -11.19 14.66 6.99
C GLN A 219 -9.93 13.81 6.73
N LEU A 221 -9.92 10.89 5.09
CA LEU A 221 -10.04 10.50 3.69
C LEU A 221 -9.53 11.61 2.77
N ARG A 222 -9.93 12.84 3.08
CA ARG A 222 -9.48 14.03 2.34
C ARG A 222 -7.96 14.15 2.39
N LEU A 223 -7.38 13.96 3.58
CA LEU A 223 -5.92 14.01 3.71
C LEU A 223 -5.25 12.98 2.81
N THR A 224 -5.74 11.74 2.84
CA THR A 224 -5.17 10.66 2.03
C THR A 224 -5.20 11.03 0.56
N GLU A 225 -6.36 11.53 0.12
CA GLU A 225 -6.57 11.99 -1.25
C GLU A 225 -5.66 13.15 -1.64
N LEU A 227 -2.70 13.85 -0.36
CA LEU A 227 -1.33 13.33 -0.40
C LEU A 227 -1.10 12.49 -1.65
N GLU A 228 -2.05 11.61 -1.98
CA GLU A 228 -1.92 10.76 -3.15
C GLU A 228 -1.93 11.52 -4.47
N ASP A 229 -2.52 12.72 -4.46
CA ASP A 229 -2.59 13.57 -5.65
C ASP A 229 -1.24 14.22 -5.96
N LEU A 230 -0.31 14.19 -5.01
CA LEU A 230 1.03 14.68 -5.26
C LEU A 230 1.79 13.62 -6.05
N ASP A 231 2.47 14.06 -7.12
CA ASP A 231 3.29 13.18 -7.94
C ASP A 231 4.46 12.57 -7.14
N ASP A 232 4.92 13.31 -6.13
CA ASP A 232 6.03 12.87 -5.28
C ASP A 232 5.65 11.76 -4.33
N VAL A 233 4.35 11.59 -4.07
CA VAL A 233 3.90 10.56 -3.14
C VAL A 233 3.63 9.25 -3.85
N GLN A 234 4.23 8.17 -3.32
CA GLN A 234 4.01 6.81 -3.83
C GLN A 234 2.94 6.06 -3.04
N ASN A 235 3.02 6.10 -1.71
CA ASN A 235 2.09 5.35 -0.85
C ASN A 235 1.84 6.09 0.46
N VAL A 236 0.59 6.09 0.88
CA VAL A 236 0.19 6.64 2.17
C VAL A 236 -0.33 5.48 3.02
N TYR A 237 0.16 5.40 4.25
CA TYR A 237 -0.31 4.40 5.20
C TYR A 237 -0.86 5.13 6.42
N SER A 238 -1.91 4.58 7.01
CA SER A 238 -2.45 5.12 8.26
C SER A 238 -3.04 4.00 9.12
N ASN A 239 -3.27 4.29 10.39
CA ASN A 239 -3.89 3.33 11.28
C ASN A 239 -5.34 3.69 11.53
N ALA A 240 -5.94 4.44 10.60
CA ALA A 240 -7.33 4.85 10.73
C ALA A 240 -8.27 3.65 10.63
N ASP A 241 -9.25 3.61 11.51
CA ASP A 241 -10.32 2.63 11.44
C ASP A 241 -11.56 3.41 11.02
N TYR A 242 -11.92 3.29 9.75
CA TYR A 242 -13.03 4.05 9.18
C TYR A 242 -14.35 3.39 9.52
N PRO A 243 -15.36 4.19 9.90
CA PRO A 243 -16.67 3.62 10.18
C PRO A 243 -17.38 3.22 8.90
N GLU A 244 -18.32 2.29 9.02
CA GLU A 244 -19.12 1.82 7.89
C GLU A 244 -19.89 2.96 7.21
N GLU A 245 -20.24 3.99 7.99
CA GLU A 245 -21.02 5.14 7.49
C GLU A 245 -20.34 5.92 6.35
N VAL A 246 -19.02 5.97 6.35
CA VAL A 246 -18.28 6.66 5.28
C VAL A 246 -17.82 5.68 4.19
N LEU A 247 -18.35 4.47 4.23
CA LEU A 247 -17.90 3.40 3.33
C LEU A 247 -19.06 2.97 2.43
#